data_9LJY
#
_entry.id   9LJY
#
_cell.length_a   49.244
_cell.length_b   98.650
_cell.length_c   76.975
_cell.angle_alpha   90.00
_cell.angle_beta   106.92
_cell.angle_gamma   90.00
#
_symmetry.space_group_name_H-M   'P 1 21 1'
#
loop_
_entity.id
_entity.type
_entity.pdbx_description
1 polymer 'Aryl hydrocarbon receptor nuclear translocator'
2 polymer 'Endothelial PAS domain-containing protein 1'
3 non-polymer 4-chloranyl-1,1-bis(oxidanylidene)-~{N}-(2-pyrrolidin-1-ylphenyl)-1,2-benzothiazol-3-amine
4 water water
#
loop_
_entity_poly.entity_id
_entity_poly.type
_entity_poly.pdbx_seq_one_letter_code
_entity_poly.pdbx_strand_id
1 'polypeptide(L)'
;MSSADKERLARENHSEIERRRRNKMTAYITELSDMVPTCSALARKPDKLTILRMAVSHMKSLRGTGNTSTDGSYKPSFLT
DQELKHLILEAADGFLFIVSCETGRVVYVSDSVTPVLNQPQSEWFGSTLYDQVHPDDVDKLREQLSTSENALTGRVLDLK
TGTVKKEGQQSSMRMCMGSRRSFICRMRCGTSSVDPVSMNRLSFLRNRCRNGLGSVKEGEPHFVVVHCTGYIKAWPPAGV
SLPDDDPEAGQGSKFCLVAIGRLQVTSSPNCTDMSNICQPTEFISRHNIEGIFTFVDHRCVATVGYQPQELLGKNIVEFC
HPEDQQLLRDSFQQVVKLKGQVLSVMFRFRSKTREWLWMRTSSFTFQNPYSDEIEYIICTNTNV
;
A
2 'polypeptide(L)'
;MADKEKKRSSSELRKEKSRDAARCRRSKETEVFYELAHELPLPHSVSSHLDKASIMRLAISFLRTHKLLSSVCSENESEA
EADQQMDNLYLKALEGFIAVVTQDGDMIFLSENISKFMGLTQVELTGHSIFDFTHPCDHEEIRENLTLKNGSGFGKKSKD
VSTERDFFMRMKCTVTNRGRTVNLKSATWKVLHCTGQVRVYNNCPPHSSLCGSKEPLLSCLIIMCEPIQHPSHMDIPLDS
KTFLSRHSMDMKFTYCDDRILELIGYHPEELLGRSAYEFYHALDSENMTKSHQNLCTKGQVVSGQYRMLAKHGGYVWLET
QGTVIYNPRNLQPQCIMCVNYVLSEIEKNDVVFSMDQTES
;
B
#
# COMPACT_ATOMS: atom_id res chain seq x y z
N ARG A 20 9.72 -27.40 26.23
CA ARG A 20 10.76 -28.39 26.54
C ARG A 20 11.80 -28.46 25.43
N ARG A 21 13.07 -28.61 25.83
CA ARG A 21 14.15 -28.69 24.84
C ARG A 21 14.09 -30.01 24.08
N ARG A 22 13.94 -31.12 24.80
CA ARG A 22 13.92 -32.43 24.15
C ARG A 22 12.69 -32.59 23.27
N ASN A 23 11.55 -32.06 23.69
CA ASN A 23 10.32 -32.21 22.91
C ASN A 23 10.40 -31.42 21.60
N LYS A 24 10.91 -30.20 21.65
CA LYS A 24 10.99 -29.39 20.43
C LYS A 24 12.08 -29.90 19.50
N MET A 25 13.19 -30.39 20.06
CA MET A 25 14.26 -30.94 19.23
C MET A 25 13.82 -32.23 18.54
N THR A 26 13.11 -33.09 19.26
CA THR A 26 12.57 -34.31 18.64
C THR A 26 11.53 -33.97 17.58
N ALA A 27 10.70 -32.95 17.84
CA ALA A 27 9.72 -32.53 16.84
C ALA A 27 10.40 -31.96 15.61
N TYR A 28 11.53 -31.27 15.79
CA TYR A 28 12.29 -30.79 14.65
C TYR A 28 12.89 -31.94 13.85
N ILE A 29 13.32 -33.00 14.54
CA ILE A 29 13.95 -34.12 13.86
C ILE A 29 12.91 -34.91 13.05
N THR A 30 11.77 -35.21 13.67
CA THR A 30 10.73 -35.94 12.96
C THR A 30 10.13 -35.12 11.83
N GLU A 31 10.11 -33.79 11.95
CA GLU A 31 9.67 -32.96 10.84
C GLU A 31 10.71 -32.97 9.72
N LEU A 32 11.99 -33.06 10.06
CA LEU A 32 13.02 -33.25 9.04
C LEU A 32 12.91 -34.63 8.40
N SER A 33 12.45 -35.63 9.17
CA SER A 33 12.15 -36.93 8.59
C SER A 33 11.06 -36.83 7.54
N ASP A 34 9.97 -36.12 7.87
CA ASP A 34 8.83 -36.02 6.98
C ASP A 34 9.13 -35.21 5.72
N MET A 35 10.14 -34.35 5.74
CA MET A 35 10.44 -33.50 4.60
C MET A 35 11.36 -34.18 3.59
N VAL A 36 12.40 -34.87 4.07
CA VAL A 36 13.30 -35.60 3.19
C VAL A 36 12.56 -36.81 2.63
N PRO A 37 12.43 -36.93 1.30
CA PRO A 37 11.66 -38.04 0.74
C PRO A 37 12.35 -39.39 0.90
N THR A 38 13.63 -39.44 0.57
CA THR A 38 14.40 -40.68 0.71
C THR A 38 14.55 -41.11 2.16
N CYS A 39 14.27 -40.22 3.12
CA CYS A 39 14.28 -40.59 4.53
C CYS A 39 12.89 -40.96 5.04
N SER A 40 11.86 -40.26 4.54
CA SER A 40 10.49 -40.59 4.93
C SER A 40 10.04 -41.92 4.35
N ALA A 41 10.54 -42.28 3.16
CA ALA A 41 10.21 -43.55 2.55
C ALA A 41 10.77 -44.74 3.33
N LEU A 42 11.69 -44.51 4.27
CA LEU A 42 12.25 -45.58 5.06
C LEU A 42 11.23 -46.09 6.09
N ALA A 43 11.32 -47.37 6.41
CA ALA A 43 10.46 -47.95 7.44
C ALA A 43 10.86 -47.66 8.88
N ARG A 44 12.09 -48.00 9.24
CA ARG A 44 12.66 -47.61 10.52
C ARG A 44 13.17 -46.19 10.45
N LYS A 45 12.70 -45.33 11.35
CA LYS A 45 13.19 -43.97 11.44
C LYS A 45 14.65 -44.00 11.91
N PRO A 46 15.60 -43.54 11.11
CA PRO A 46 17.02 -43.64 11.50
C PRO A 46 17.32 -42.76 12.71
N ASP A 47 18.50 -43.01 13.28
CA ASP A 47 18.94 -42.24 14.43
C ASP A 47 19.23 -40.79 14.04
N LYS A 48 19.53 -39.97 15.06
CA LYS A 48 19.72 -38.54 14.82
C LYS A 48 20.93 -38.28 13.93
N LEU A 49 22.02 -39.02 14.14
CA LEU A 49 23.21 -38.85 13.32
C LEU A 49 22.92 -39.20 11.85
N THR A 50 22.09 -40.23 11.63
CA THR A 50 21.83 -40.67 10.26
C THR A 50 20.94 -39.68 9.52
N ILE A 51 19.84 -39.26 10.13
CA ILE A 51 18.91 -38.35 9.45
C ILE A 51 19.61 -37.03 9.12
N LEU A 52 20.47 -36.55 10.01
CA LEU A 52 21.20 -35.32 9.72
C LEU A 52 22.11 -35.49 8.51
N ARG A 53 22.82 -36.62 8.43
CA ARG A 53 23.66 -36.88 7.26
C ARG A 53 22.80 -37.06 6.01
N MET A 54 21.63 -37.69 6.15
CA MET A 54 20.72 -37.83 5.02
C MET A 54 20.13 -36.50 4.61
N ALA A 55 20.02 -35.55 5.55
CA ALA A 55 19.55 -34.22 5.22
C ALA A 55 20.64 -33.38 4.55
N VAL A 56 21.89 -33.55 5.00
CA VAL A 56 23.01 -32.88 4.33
C VAL A 56 23.12 -33.35 2.89
N SER A 57 22.93 -34.65 2.66
CA SER A 57 23.01 -35.19 1.31
C SER A 57 21.85 -34.72 0.45
N HIS A 58 20.66 -34.56 1.05
CA HIS A 58 19.52 -34.06 0.31
C HIS A 58 19.71 -32.61 -0.12
N MET A 59 20.32 -31.80 0.75
CA MET A 59 20.48 -30.38 0.44
C MET A 59 21.67 -30.13 -0.47
N LYS A 60 22.75 -30.90 -0.30
CA LYS A 60 23.88 -30.76 -1.21
C LYS A 60 23.61 -31.34 -2.58
N SER A 61 22.54 -32.13 -2.73
CA SER A 61 22.16 -32.62 -4.05
C SER A 61 21.50 -31.54 -4.88
N LEU A 62 20.52 -30.84 -4.31
CA LEU A 62 19.83 -29.75 -5.00
C LEU A 62 20.55 -28.42 -4.78
N LEU A 84 14.04 -16.11 -6.59
CA LEU A 84 12.90 -15.45 -5.97
C LEU A 84 12.20 -14.51 -6.94
N LYS A 85 12.51 -14.67 -8.23
CA LYS A 85 11.87 -13.84 -9.26
C LYS A 85 10.35 -14.04 -9.25
N HIS A 86 9.89 -15.28 -9.03
CA HIS A 86 8.46 -15.54 -8.99
C HIS A 86 7.86 -15.13 -7.65
N LEU A 87 8.65 -15.13 -6.58
CA LEU A 87 8.15 -14.68 -5.29
C LEU A 87 7.79 -13.19 -5.33
N ILE A 88 8.59 -12.40 -6.06
CA ILE A 88 8.26 -10.99 -6.21
C ILE A 88 7.05 -10.81 -7.11
N LEU A 89 6.96 -11.60 -8.18
CA LEU A 89 5.79 -11.53 -9.05
C LEU A 89 4.54 -12.01 -8.34
N GLU A 90 4.66 -13.02 -7.48
CA GLU A 90 3.52 -13.49 -6.72
C GLU A 90 3.08 -12.49 -5.66
N ALA A 91 4.03 -11.75 -5.08
CA ALA A 91 3.72 -10.86 -3.98
C ALA A 91 3.10 -9.55 -4.46
N ALA A 92 3.73 -8.90 -5.43
CA ALA A 92 3.31 -7.56 -5.82
C ALA A 92 3.15 -7.37 -7.33
N ASP A 93 3.19 -8.45 -8.11
CA ASP A 93 3.09 -8.37 -9.57
C ASP A 93 4.14 -7.40 -10.14
N GLY A 94 5.38 -7.61 -9.71
CA GLY A 94 6.47 -6.75 -10.11
C GLY A 94 7.39 -7.40 -11.13
N PHE A 95 8.09 -6.57 -11.89
CA PHE A 95 9.05 -7.02 -12.89
C PHE A 95 10.29 -6.15 -12.82
N LEU A 96 11.44 -6.78 -13.04
CA LEU A 96 12.72 -6.08 -13.01
C LEU A 96 13.08 -5.56 -14.40
N PHE A 97 13.70 -4.39 -14.44
CA PHE A 97 14.17 -3.80 -15.68
C PHE A 97 15.35 -2.90 -15.38
N ILE A 98 16.32 -2.89 -16.29
CA ILE A 98 17.51 -2.05 -16.18
C ILE A 98 17.48 -1.07 -17.35
N VAL A 99 17.45 0.22 -17.04
CA VAL A 99 17.37 1.25 -18.05
C VAL A 99 18.63 2.11 -18.00
N SER A 100 18.99 2.66 -19.15
CA SER A 100 20.10 3.61 -19.21
C SER A 100 19.65 4.97 -18.67
N CYS A 101 20.56 5.65 -17.97
CA CYS A 101 20.21 6.92 -17.36
C CYS A 101 20.25 8.08 -18.35
N GLU A 102 21.13 8.00 -19.35
CA GLU A 102 21.25 9.09 -20.32
C GLU A 102 20.28 9.11 -21.51
N THR A 103 20.24 8.01 -22.26
CA THR A 103 19.27 7.91 -23.35
C THR A 103 17.91 7.47 -22.84
N GLY A 104 17.87 6.54 -21.88
CA GLY A 104 16.64 5.99 -21.38
C GLY A 104 16.32 4.60 -21.90
N ARG A 105 17.09 4.09 -22.86
CA ARG A 105 16.86 2.75 -23.38
C ARG A 105 17.02 1.71 -22.28
N VAL A 106 16.26 0.63 -22.39
CA VAL A 106 16.40 -0.49 -21.47
C VAL A 106 17.60 -1.33 -21.90
N VAL A 107 18.43 -1.72 -20.94
CA VAL A 107 19.49 -2.69 -21.20
C VAL A 107 19.12 -4.07 -20.73
N TYR A 108 18.06 -4.21 -19.93
CA TYR A 108 17.48 -5.50 -19.59
C TYR A 108 16.03 -5.29 -19.19
N VAL A 109 15.20 -6.27 -19.52
CA VAL A 109 13.83 -6.34 -19.04
C VAL A 109 13.47 -7.80 -18.84
N SER A 110 13.02 -8.14 -17.64
CA SER A 110 12.70 -9.53 -17.33
C SER A 110 11.43 -9.95 -18.06
N ASP A 111 11.26 -11.27 -18.21
CA ASP A 111 10.08 -11.81 -18.86
C ASP A 111 8.81 -11.56 -18.05
N SER A 112 8.94 -11.19 -16.78
CA SER A 112 7.77 -10.86 -15.97
C SER A 112 7.04 -9.62 -16.45
N VAL A 113 7.60 -8.89 -17.43
CA VAL A 113 6.90 -7.74 -17.99
C VAL A 113 5.68 -8.18 -18.79
N THR A 114 5.62 -9.43 -19.20
CA THR A 114 4.48 -9.93 -19.97
C THR A 114 3.29 -10.23 -19.05
N PRO A 115 3.48 -10.90 -17.91
CA PRO A 115 2.34 -11.06 -16.99
C PRO A 115 1.82 -9.75 -16.43
N VAL A 116 2.69 -8.77 -16.20
CA VAL A 116 2.27 -7.55 -15.51
C VAL A 116 1.75 -6.48 -16.47
N LEU A 117 2.21 -6.48 -17.72
CA LEU A 117 1.81 -5.44 -18.66
C LEU A 117 1.27 -5.97 -19.98
N ASN A 118 1.20 -7.29 -20.17
CA ASN A 118 0.73 -7.89 -21.41
C ASN A 118 1.53 -7.37 -22.60
N GLN A 119 2.85 -7.24 -22.40
CA GLN A 119 3.74 -6.70 -23.41
C GLN A 119 4.93 -7.63 -23.57
N PRO A 120 5.32 -7.95 -24.81
CA PRO A 120 6.46 -8.83 -25.02
C PRO A 120 7.77 -8.16 -24.65
N GLN A 121 8.78 -9.00 -24.40
CA GLN A 121 10.11 -8.47 -24.13
C GLN A 121 10.69 -7.77 -25.35
N SER A 122 10.29 -8.17 -26.55
CA SER A 122 10.73 -7.49 -27.75
C SER A 122 10.13 -6.08 -27.84
N GLU A 123 8.95 -5.87 -27.26
CA GLU A 123 8.36 -4.54 -27.24
C GLU A 123 9.15 -3.59 -26.36
N TRP A 124 9.77 -4.09 -25.29
CA TRP A 124 10.54 -3.26 -24.38
C TRP A 124 12.00 -3.17 -24.79
N PHE A 125 12.62 -4.29 -25.16
CA PHE A 125 14.01 -4.27 -25.61
C PHE A 125 14.15 -3.44 -26.88
N GLY A 126 15.26 -2.69 -26.96
CA GLY A 126 15.48 -1.80 -28.08
C GLY A 126 14.69 -0.51 -28.02
N SER A 127 14.02 -0.22 -26.91
CA SER A 127 13.23 0.99 -26.75
C SER A 127 13.61 1.66 -25.43
N THR A 128 13.16 2.90 -25.28
CA THR A 128 13.43 3.68 -24.09
C THR A 128 12.22 3.67 -23.16
N LEU A 129 12.47 4.00 -21.89
CA LEU A 129 11.38 4.10 -20.92
C LEU A 129 10.40 5.19 -21.31
N TYR A 130 10.88 6.26 -21.93
CA TYR A 130 10.01 7.38 -22.29
C TYR A 130 8.91 6.97 -23.27
N ASP A 131 9.12 5.88 -24.02
CA ASP A 131 8.09 5.39 -24.93
C ASP A 131 7.03 4.57 -24.20
N GLN A 132 7.42 3.84 -23.17
CA GLN A 132 6.51 2.96 -22.43
C GLN A 132 5.78 3.68 -21.30
N VAL A 133 5.84 5.00 -21.25
CA VAL A 133 5.30 5.78 -20.14
C VAL A 133 4.36 6.84 -20.68
N HIS A 134 3.35 7.19 -19.89
CA HIS A 134 2.39 8.22 -20.25
C HIS A 134 3.12 9.51 -20.66
N PRO A 135 2.63 10.22 -21.67
CA PRO A 135 3.33 11.44 -22.12
C PRO A 135 3.48 12.50 -21.05
N ASP A 136 2.54 12.57 -20.10
CA ASP A 136 2.58 13.55 -19.02
C ASP A 136 3.43 13.09 -17.84
N ASP A 137 4.29 12.08 -18.03
CA ASP A 137 5.14 11.58 -16.98
C ASP A 137 6.61 11.60 -17.36
N VAL A 138 6.98 12.22 -18.48
CA VAL A 138 8.38 12.22 -18.91
C VAL A 138 9.20 13.21 -18.09
N ASP A 139 8.61 14.35 -17.70
CA ASP A 139 9.30 15.28 -16.84
C ASP A 139 9.64 14.65 -15.50
N LYS A 140 8.67 13.97 -14.90
CA LYS A 140 8.92 13.21 -13.68
C LYS A 140 9.98 12.14 -13.90
N LEU A 141 9.95 11.49 -15.08
CA LEU A 141 10.91 10.43 -15.39
C LEU A 141 12.34 10.98 -15.40
N ARG A 142 12.54 12.12 -16.05
CA ARG A 142 13.87 12.72 -16.12
C ARG A 142 14.43 13.01 -14.73
N GLU A 143 13.62 13.59 -13.84
CA GLU A 143 14.08 13.92 -12.50
C GLU A 143 14.44 12.69 -11.68
N GLN A 144 13.97 11.51 -12.08
CA GLN A 144 14.36 10.26 -11.42
C GLN A 144 15.53 9.58 -12.12
N LEU A 145 15.70 9.83 -13.43
CA LEU A 145 16.80 9.25 -14.19
C LEU A 145 18.02 10.16 -14.25
N SER A 146 17.97 11.32 -13.62
CA SER A 146 19.08 12.27 -13.67
C SER A 146 20.11 11.91 -12.60
N THR A 147 21.32 11.54 -13.04
CA THR A 147 22.42 11.27 -12.13
C THR A 147 23.26 12.50 -11.83
N SER A 148 22.74 13.69 -12.11
CA SER A 148 23.49 14.91 -11.84
C SER A 148 23.66 15.13 -10.34
N GLU A 149 22.57 15.06 -9.58
CA GLU A 149 22.63 15.19 -8.12
C GLU A 149 22.88 13.87 -7.43
N ASN A 150 22.34 12.77 -7.96
CA ASN A 150 22.58 11.44 -7.41
C ASN A 150 22.84 10.44 -8.53
N SER A 179 22.80 5.26 -5.27
CA SER A 179 21.69 6.07 -4.80
C SER A 179 20.35 5.39 -5.06
N ARG A 180 19.39 5.65 -4.19
CA ARG A 180 18.07 5.02 -4.28
C ARG A 180 17.14 5.84 -5.18
N ARG A 181 16.09 5.18 -5.67
CA ARG A 181 15.05 5.82 -6.47
C ARG A 181 13.70 5.19 -6.14
N SER A 182 12.66 6.02 -6.15
CA SER A 182 11.30 5.54 -5.87
C SER A 182 10.38 6.56 -6.52
N PHE A 183 9.49 6.09 -7.39
CA PHE A 183 8.55 6.98 -8.06
C PHE A 183 7.40 6.17 -8.63
N ILE A 184 6.33 6.87 -8.98
CA ILE A 184 5.13 6.28 -9.57
C ILE A 184 4.94 6.86 -10.97
N CYS A 185 4.54 6.00 -11.90
CA CYS A 185 4.29 6.46 -13.27
C CYS A 185 3.29 5.53 -13.93
N ARG A 186 2.66 6.02 -15.00
CA ARG A 186 1.70 5.26 -15.76
C ARG A 186 2.40 4.66 -16.97
N MET A 187 2.38 3.33 -17.08
CA MET A 187 2.99 2.61 -18.19
C MET A 187 1.91 2.05 -19.11
N ARG A 188 2.21 2.04 -20.40
CA ARG A 188 1.28 1.50 -21.39
C ARG A 188 1.30 -0.02 -21.37
N CYS A 189 0.12 -0.62 -21.48
CA CYS A 189 0.00 -2.08 -21.50
C CYS A 189 -1.00 -2.46 -22.59
N GLY A 190 -1.27 -3.76 -22.73
CA GLY A 190 -1.99 -4.30 -23.86
C GLY A 190 -1.10 -5.04 -24.85
N PRO A 221 -4.59 2.34 -26.00
CA PRO A 221 -4.09 3.47 -25.22
C PRO A 221 -4.52 3.43 -23.76
N HIS A 222 -4.21 2.33 -23.08
CA HIS A 222 -4.56 2.13 -21.67
C HIS A 222 -3.29 2.14 -20.83
N PHE A 223 -3.29 2.95 -19.78
CA PHE A 223 -2.15 3.08 -18.89
C PHE A 223 -2.49 2.54 -17.51
N VAL A 224 -1.53 1.89 -16.87
CA VAL A 224 -1.70 1.36 -15.52
C VAL A 224 -0.66 1.99 -14.60
N VAL A 225 -1.04 2.18 -13.35
CA VAL A 225 -0.17 2.81 -12.36
C VAL A 225 0.84 1.78 -11.88
N VAL A 226 2.13 2.14 -11.92
CA VAL A 226 3.22 1.25 -11.56
C VAL A 226 4.10 1.94 -10.51
N HIS A 227 4.39 1.24 -9.43
CA HIS A 227 5.32 1.73 -8.41
C HIS A 227 6.72 1.20 -8.73
N CYS A 228 7.63 2.12 -9.04
CA CYS A 228 8.99 1.77 -9.44
C CYS A 228 9.95 2.11 -8.31
N THR A 229 10.64 1.11 -7.79
CA THR A 229 11.66 1.27 -6.76
C THR A 229 12.96 0.67 -7.27
N GLY A 230 14.06 1.40 -7.12
CA GLY A 230 15.33 0.89 -7.58
C GLY A 230 16.50 1.74 -7.11
N TYR A 231 17.65 1.49 -7.72
CA TYR A 231 18.89 2.16 -7.36
C TYR A 231 19.69 2.46 -8.61
N ILE A 232 20.84 3.13 -8.42
CA ILE A 232 21.71 3.55 -9.51
C ILE A 232 22.94 2.66 -9.51
N LYS A 233 23.33 2.18 -10.69
CA LYS A 233 24.52 1.34 -10.82
C LYS A 233 25.16 1.51 -12.20
N PHE A 255 25.75 5.51 -16.54
CA PHE A 255 25.00 5.02 -15.38
C PHE A 255 23.73 4.29 -15.81
N CYS A 256 23.14 3.55 -14.88
CA CYS A 256 21.94 2.78 -15.15
C CYS A 256 21.08 2.73 -13.90
N LEU A 257 19.79 2.46 -14.10
CA LEU A 257 18.83 2.34 -13.01
C LEU A 257 18.32 0.91 -12.95
N VAL A 258 18.63 0.22 -11.86
CA VAL A 258 18.14 -1.13 -11.60
C VAL A 258 16.92 -1.01 -10.71
N ALA A 259 15.73 -1.24 -11.27
CA ALA A 259 14.49 -1.02 -10.54
C ALA A 259 13.48 -2.11 -10.86
N ILE A 260 12.59 -2.37 -9.90
CA ILE A 260 11.45 -3.25 -10.07
C ILE A 260 10.18 -2.40 -10.09
N GLY A 261 9.35 -2.61 -11.10
CA GLY A 261 8.06 -1.93 -11.17
C GLY A 261 6.91 -2.86 -10.87
N ARG A 262 6.10 -2.53 -9.87
CA ARG A 262 5.04 -3.40 -9.40
C ARG A 262 3.67 -2.75 -9.64
N LEU A 263 2.66 -3.59 -9.82
CA LEU A 263 1.29 -3.15 -9.98
C LEU A 263 0.60 -3.10 -8.62
N GLN A 264 -0.71 -2.88 -8.62
CA GLN A 264 -1.49 -2.81 -7.39
C GLN A 264 -2.94 -3.19 -7.65
N PRO A 280 -26.89 6.65 -16.34
CA PRO A 280 -26.86 7.59 -15.21
C PRO A 280 -28.24 7.80 -14.59
N THR A 281 -28.54 7.05 -13.53
CA THR A 281 -29.83 7.13 -12.86
C THR A 281 -29.78 7.96 -11.58
N GLU A 282 -28.60 8.31 -11.08
CA GLU A 282 -28.48 9.06 -9.85
C GLU A 282 -27.22 9.92 -9.92
N PHE A 283 -27.03 10.73 -8.88
CA PHE A 283 -25.83 11.56 -8.77
C PHE A 283 -25.61 11.88 -7.30
N ILE A 284 -24.34 11.87 -6.89
CA ILE A 284 -23.96 12.03 -5.48
C ILE A 284 -23.59 13.50 -5.24
N SER A 285 -24.12 14.05 -4.16
CA SER A 285 -23.83 15.43 -3.76
C SER A 285 -23.44 15.45 -2.29
N ARG A 286 -22.80 16.55 -1.89
CA ARG A 286 -22.42 16.78 -0.51
C ARG A 286 -22.92 18.14 -0.07
N HIS A 287 -23.48 18.20 1.14
CA HIS A 287 -24.08 19.42 1.66
C HIS A 287 -23.52 19.72 3.04
N ASN A 288 -23.58 21.00 3.41
CA ASN A 288 -23.39 21.38 4.80
C ASN A 288 -24.63 20.99 5.60
N ILE A 289 -24.63 21.31 6.90
CA ILE A 289 -25.78 20.97 7.73
C ILE A 289 -27.01 21.73 7.26
N GLU A 290 -26.84 22.95 6.75
CA GLU A 290 -27.99 23.74 6.31
C GLU A 290 -28.63 23.15 5.05
N GLY A 291 -27.80 22.70 4.10
CA GLY A 291 -28.31 22.13 2.87
C GLY A 291 -27.70 22.75 1.64
N ILE A 292 -26.64 23.54 1.82
CA ILE A 292 -25.97 24.18 0.70
C ILE A 292 -25.14 23.14 -0.05
N PHE A 293 -25.34 23.06 -1.36
CA PHE A 293 -24.52 22.20 -2.20
C PHE A 293 -23.12 22.72 -1.86
N THR A 294 -22.23 21.84 -1.41
CA THR A 294 -20.80 22.08 -1.35
C THR A 294 -20.01 21.14 -2.24
N PHE A 295 -20.67 20.15 -2.85
CA PHE A 295 -20.03 19.26 -3.80
C PHE A 295 -21.12 18.62 -4.65
N VAL A 296 -20.85 18.54 -5.96
CA VAL A 296 -21.81 17.99 -6.92
C VAL A 296 -21.02 17.26 -7.99
N ASP A 297 -21.37 16.01 -8.26
CA ASP A 297 -20.71 15.24 -9.30
C ASP A 297 -21.33 15.50 -10.66
N HIS A 298 -20.59 15.15 -11.71
CA HIS A 298 -20.98 15.51 -13.07
C HIS A 298 -22.27 14.85 -13.53
N ARG A 299 -22.68 13.75 -12.88
CA ARG A 299 -23.90 13.07 -13.29
C ARG A 299 -25.16 13.91 -13.05
N CYS A 300 -25.05 15.02 -12.33
CA CYS A 300 -26.20 15.89 -12.13
C CYS A 300 -26.68 16.49 -13.46
N VAL A 301 -25.76 16.75 -14.38
CA VAL A 301 -26.13 17.35 -15.66
C VAL A 301 -27.03 16.44 -16.49
N ALA A 302 -27.08 15.15 -16.15
CA ALA A 302 -27.96 14.21 -16.83
C ALA A 302 -29.22 13.87 -16.04
N THR A 303 -29.14 13.89 -14.70
CA THR A 303 -30.29 13.54 -13.90
C THR A 303 -31.28 14.69 -13.78
N VAL A 304 -30.78 15.91 -13.60
CA VAL A 304 -31.63 17.08 -13.45
C VAL A 304 -31.42 18.13 -14.53
N GLY A 305 -30.33 18.04 -15.30
CA GLY A 305 -30.07 18.98 -16.37
C GLY A 305 -29.36 20.25 -15.97
N TYR A 306 -28.97 20.39 -14.70
CA TYR A 306 -28.25 21.56 -14.23
C TYR A 306 -26.75 21.34 -14.32
N GLN A 307 -26.02 22.41 -14.64
CA GLN A 307 -24.59 22.39 -14.51
C GLN A 307 -24.22 22.31 -13.02
N PRO A 308 -23.08 21.71 -12.69
CA PRO A 308 -22.67 21.67 -11.28
C PRO A 308 -22.61 23.04 -10.63
N GLN A 309 -22.20 24.07 -11.38
CA GLN A 309 -22.17 25.43 -10.85
C GLN A 309 -23.57 25.97 -10.55
N GLU A 310 -24.60 25.45 -11.23
CA GLU A 310 -25.96 25.89 -10.95
C GLU A 310 -26.42 25.42 -9.57
N LEU A 311 -26.10 24.18 -9.20
CA LEU A 311 -26.54 23.65 -7.92
C LEU A 311 -25.65 24.14 -6.78
N LEU A 312 -24.35 24.24 -7.02
CA LEU A 312 -23.42 24.64 -5.96
C LEU A 312 -23.76 26.04 -5.45
N GLY A 313 -23.53 26.26 -4.16
CA GLY A 313 -23.80 27.52 -3.52
C GLY A 313 -25.23 27.73 -3.09
N LYS A 314 -26.18 26.99 -3.66
CA LYS A 314 -27.59 27.13 -3.34
C LYS A 314 -28.05 25.96 -2.48
N ASN A 315 -29.11 26.20 -1.71
CA ASN A 315 -29.64 25.18 -0.83
C ASN A 315 -30.50 24.20 -1.61
N ILE A 316 -30.53 22.95 -1.13
CA ILE A 316 -31.27 21.91 -1.84
C ILE A 316 -32.77 22.15 -1.77
N VAL A 317 -33.25 22.84 -0.72
CA VAL A 317 -34.67 23.11 -0.60
C VAL A 317 -35.13 24.18 -1.59
N GLU A 318 -34.19 24.93 -2.17
CA GLU A 318 -34.57 25.89 -3.21
C GLU A 318 -35.00 25.20 -4.50
N PHE A 319 -34.56 23.96 -4.72
CA PHE A 319 -34.96 23.17 -5.87
C PHE A 319 -36.10 22.22 -5.54
N CYS A 320 -36.68 22.33 -4.35
CA CYS A 320 -37.74 21.44 -3.89
C CYS A 320 -39.11 22.07 -4.14
N HIS A 321 -40.09 21.22 -4.41
CA HIS A 321 -41.46 21.68 -4.51
C HIS A 321 -41.93 22.18 -3.14
N PRO A 322 -42.63 23.32 -3.08
CA PRO A 322 -43.04 23.87 -1.78
C PRO A 322 -43.81 22.90 -0.90
N GLU A 323 -44.61 22.00 -1.49
CA GLU A 323 -45.32 21.02 -0.69
C GLU A 323 -44.35 20.07 0.00
N ASP A 324 -43.34 19.60 -0.72
CA ASP A 324 -42.37 18.66 -0.19
C ASP A 324 -41.21 19.34 0.54
N GLN A 325 -41.19 20.67 0.59
CA GLN A 325 -40.07 21.38 1.20
C GLN A 325 -39.96 21.05 2.69
N GLN A 326 -41.08 21.06 3.41
CA GLN A 326 -41.04 20.72 4.82
C GLN A 326 -40.55 19.30 5.04
N LEU A 327 -40.90 18.38 4.15
CA LEU A 327 -40.40 17.02 4.24
C LEU A 327 -38.88 16.97 4.09
N LEU A 328 -38.34 17.81 3.20
CA LEU A 328 -36.90 17.82 2.98
C LEU A 328 -36.15 18.38 4.19
N ARG A 329 -36.67 19.46 4.80
CA ARG A 329 -36.05 19.97 6.01
C ARG A 329 -36.13 18.98 7.16
N ASP A 330 -37.26 18.26 7.25
CA ASP A 330 -37.39 17.23 8.28
C ASP A 330 -36.35 16.13 8.10
N SER A 331 -36.08 15.74 6.85
CA SER A 331 -35.05 14.73 6.60
C SER A 331 -33.68 15.25 7.01
N PHE A 332 -33.37 16.52 6.71
CA PHE A 332 -32.11 17.10 7.13
C PHE A 332 -32.04 17.29 8.64
N GLN A 333 -33.18 17.40 9.31
CA GLN A 333 -33.19 17.46 10.78
C GLN A 333 -32.88 16.11 11.40
N GLN A 334 -33.27 15.02 10.72
CA GLN A 334 -33.05 13.69 11.27
C GLN A 334 -31.65 13.17 10.96
N VAL A 335 -31.16 13.40 9.75
CA VAL A 335 -29.84 12.90 9.37
C VAL A 335 -28.78 13.43 10.34
N VAL A 336 -28.92 14.69 10.75
CA VAL A 336 -28.00 15.23 11.76
C VAL A 336 -28.25 14.59 13.11
N LYS A 337 -29.52 14.49 13.52
CA LYS A 337 -29.85 13.89 14.80
C LYS A 337 -29.51 12.40 14.82
N LEU A 338 -29.77 11.70 13.72
CA LEU A 338 -29.39 10.29 13.60
C LEU A 338 -28.01 10.21 12.94
N LYS A 339 -27.02 10.66 13.70
CA LYS A 339 -25.65 10.75 13.20
C LYS A 339 -25.12 9.38 12.81
N GLY A 340 -24.69 9.24 11.56
CA GLY A 340 -24.22 7.99 11.02
C GLY A 340 -25.28 7.15 10.34
N GLN A 341 -26.52 7.23 10.80
CA GLN A 341 -27.60 6.47 10.20
C GLN A 341 -28.01 7.08 8.87
N VAL A 342 -28.64 6.27 8.02
CA VAL A 342 -29.02 6.65 6.68
C VAL A 342 -30.52 6.86 6.63
N LEU A 343 -30.95 8.08 6.30
CA LEU A 343 -32.35 8.40 6.07
C LEU A 343 -32.62 8.46 4.58
N SER A 344 -33.92 8.46 4.23
CA SER A 344 -34.33 8.48 2.84
C SER A 344 -35.59 9.33 2.71
N VAL A 345 -35.51 10.38 1.90
CA VAL A 345 -36.65 11.25 1.61
C VAL A 345 -36.92 11.20 0.11
N MET A 346 -38.17 11.40 -0.25
CA MET A 346 -38.60 11.37 -1.64
C MET A 346 -39.46 12.60 -1.92
N PHE A 347 -38.97 13.47 -2.80
CA PHE A 347 -39.60 14.76 -3.07
C PHE A 347 -39.54 15.05 -4.56
N ARG A 348 -40.09 16.19 -4.96
CA ARG A 348 -40.07 16.65 -6.34
C ARG A 348 -38.95 17.66 -6.51
N PHE A 349 -38.03 17.36 -7.43
CA PHE A 349 -36.89 18.22 -7.71
C PHE A 349 -37.18 19.05 -8.97
N ARG A 350 -36.95 20.36 -8.87
CA ARG A 350 -37.14 21.24 -10.02
C ARG A 350 -35.95 21.09 -10.96
N SER A 351 -36.22 20.67 -12.19
CA SER A 351 -35.18 20.53 -13.19
C SER A 351 -34.95 21.87 -13.90
N LYS A 352 -33.96 21.91 -14.79
CA LYS A 352 -33.73 23.13 -15.55
C LYS A 352 -34.84 23.36 -16.56
N THR A 353 -35.50 22.29 -17.02
CA THR A 353 -36.68 22.40 -17.86
C THR A 353 -37.91 22.81 -17.06
N ARG A 354 -37.79 22.91 -15.73
CA ARG A 354 -38.80 23.40 -14.79
C ARG A 354 -39.93 22.36 -14.72
N GLU A 355 -39.60 21.07 -14.61
CA GLU A 355 -40.62 20.06 -14.40
C GLU A 355 -40.20 19.44 -13.07
N TRP A 356 -41.19 18.92 -12.34
CA TRP A 356 -40.98 18.36 -11.01
C TRP A 356 -40.63 16.88 -11.16
N LEU A 357 -39.34 16.57 -11.15
CA LEU A 357 -38.88 15.19 -11.23
C LEU A 357 -38.91 14.57 -9.82
N TRP A 358 -39.64 13.48 -9.67
CA TRP A 358 -39.66 12.78 -8.39
C TRP A 358 -38.31 12.14 -8.14
N MET A 359 -37.79 12.33 -6.93
CA MET A 359 -36.41 11.97 -6.63
C MET A 359 -36.32 11.45 -5.20
N ARG A 360 -35.67 10.29 -5.04
CA ARG A 360 -35.36 9.74 -3.73
C ARG A 360 -33.93 10.12 -3.37
N THR A 361 -33.78 10.87 -2.29
CA THR A 361 -32.47 11.26 -1.78
C THR A 361 -32.21 10.48 -0.49
N SER A 362 -31.27 9.54 -0.56
CA SER A 362 -30.83 8.79 0.62
C SER A 362 -29.53 9.42 1.11
N SER A 363 -29.54 9.90 2.36
CA SER A 363 -28.45 10.69 2.88
C SER A 363 -28.04 10.20 4.26
N PHE A 364 -26.84 10.61 4.66
CA PHE A 364 -26.26 10.26 5.95
C PHE A 364 -25.15 11.25 6.27
N THR A 365 -24.90 11.44 7.56
CA THR A 365 -23.83 12.34 7.98
C THR A 365 -22.48 11.63 7.90
N PHE A 366 -21.47 12.39 7.49
CA PHE A 366 -20.10 11.91 7.43
C PHE A 366 -19.35 12.44 8.65
N GLN A 367 -18.72 11.54 9.39
CA GLN A 367 -18.05 11.88 10.63
C GLN A 367 -16.54 11.76 10.46
N ASN A 368 -15.81 12.67 11.08
CA ASN A 368 -14.35 12.61 11.05
C ASN A 368 -13.87 11.42 11.88
N PRO A 369 -13.04 10.53 11.33
CA PRO A 369 -12.62 9.35 12.10
C PRO A 369 -11.88 9.68 13.38
N TYR A 370 -11.39 10.90 13.56
CA TYR A 370 -10.69 11.28 14.77
C TYR A 370 -11.49 12.16 15.71
N SER A 371 -12.06 13.26 15.20
CA SER A 371 -12.76 14.23 16.03
C SER A 371 -14.26 13.97 16.05
N ASP A 372 -14.76 13.05 15.22
CA ASP A 372 -16.19 12.77 15.09
C ASP A 372 -17.00 14.01 14.71
N GLU A 373 -16.34 15.02 14.15
CA GLU A 373 -17.04 16.20 13.66
C GLU A 373 -17.80 15.87 12.39
N ILE A 374 -19.01 16.42 12.26
CA ILE A 374 -19.80 16.23 11.06
C ILE A 374 -19.01 17.01 10.00
N GLU A 375 -18.43 16.28 9.04
CA GLU A 375 -17.76 16.93 7.93
C GLU A 375 -18.77 17.51 6.94
N TYR A 376 -19.72 16.69 6.50
CA TYR A 376 -20.79 17.14 5.61
C TYR A 376 -21.89 16.08 5.61
N ILE A 377 -22.89 16.27 4.76
CA ILE A 377 -23.98 15.32 4.57
C ILE A 377 -23.90 14.83 3.14
N ILE A 378 -23.70 13.52 2.98
CA ILE A 378 -23.54 12.91 1.66
C ILE A 378 -24.90 12.42 1.18
N CYS A 379 -25.35 12.93 0.03
CA CYS A 379 -26.63 12.57 -0.54
C CYS A 379 -26.43 11.91 -1.90
N THR A 380 -27.23 10.88 -2.16
CA THR A 380 -27.26 10.20 -3.46
C THR A 380 -28.67 10.36 -4.01
N ASN A 381 -28.85 11.36 -4.88
CA ASN A 381 -30.17 11.71 -5.40
C ASN A 381 -30.47 10.88 -6.64
N THR A 382 -31.45 9.99 -6.53
CA THR A 382 -31.83 9.07 -7.61
C THR A 382 -33.20 9.47 -8.17
N ASN A 383 -33.31 9.43 -9.50
CA ASN A 383 -34.56 9.77 -10.15
C ASN A 383 -35.64 8.74 -9.83
N VAL A 384 -36.89 9.12 -10.14
CA VAL A 384 -38.11 8.34 -9.87
C VAL A 384 -38.02 7.47 -8.62
N GLU B 29 27.93 -35.75 15.65
CA GLU B 29 27.49 -34.81 16.68
C GLU B 29 27.66 -33.36 16.24
N THR B 30 28.70 -32.68 16.73
CA THR B 30 28.94 -31.30 16.34
C THR B 30 29.30 -31.19 14.87
N GLU B 31 30.12 -32.12 14.36
CA GLU B 31 30.61 -32.02 12.99
C GLU B 31 29.48 -32.17 11.98
N VAL B 32 28.52 -33.04 12.25
CA VAL B 32 27.41 -33.23 11.30
C VAL B 32 26.41 -32.09 11.43
N PHE B 33 26.18 -31.60 12.65
CA PHE B 33 25.36 -30.41 12.82
C PHE B 33 26.02 -29.19 12.17
N TYR B 34 27.35 -29.14 12.20
CA TYR B 34 28.10 -28.09 11.53
C TYR B 34 28.01 -28.21 10.01
N GLU B 35 27.61 -29.37 9.49
CA GLU B 35 27.53 -29.57 8.05
C GLU B 35 26.26 -28.97 7.47
N LEU B 36 25.13 -29.12 8.16
CA LEU B 36 23.88 -28.54 7.67
C LEU B 36 23.96 -27.02 7.60
N ALA B 37 24.67 -26.40 8.54
CA ALA B 37 24.82 -24.94 8.52
C ALA B 37 25.51 -24.48 7.24
N HIS B 38 26.54 -25.21 6.80
CA HIS B 38 27.21 -24.86 5.56
C HIS B 38 26.28 -25.03 4.37
N GLU B 39 25.38 -26.01 4.42
CA GLU B 39 24.51 -26.32 3.29
C GLU B 39 23.22 -25.50 3.28
N LEU B 40 22.98 -24.66 4.29
CA LEU B 40 21.82 -23.80 4.24
C LEU B 40 22.09 -22.60 3.34
N PRO B 41 21.09 -22.01 2.62
CA PRO B 41 21.29 -20.85 1.74
C PRO B 41 21.68 -19.58 2.48
N LEU B 42 22.80 -19.66 3.20
CA LEU B 42 23.22 -18.58 4.07
C LEU B 42 24.72 -18.43 3.89
N PRO B 43 25.28 -17.27 4.20
CA PRO B 43 26.74 -17.13 4.27
C PRO B 43 27.32 -17.90 5.44
N HIS B 44 28.54 -18.40 5.26
CA HIS B 44 29.18 -19.21 6.29
C HIS B 44 29.52 -18.42 7.55
N SER B 45 29.48 -17.09 7.48
CA SER B 45 29.76 -16.29 8.68
C SER B 45 28.60 -16.36 9.67
N VAL B 46 27.37 -16.35 9.17
CA VAL B 46 26.19 -16.36 10.04
C VAL B 46 25.61 -17.75 10.24
N SER B 47 25.93 -18.71 9.39
CA SER B 47 25.38 -20.06 9.52
C SER B 47 26.17 -20.93 10.47
N SER B 48 27.51 -20.80 10.42
CA SER B 48 28.41 -21.61 11.28
C SER B 48 28.33 -21.15 12.75
N HIS B 49 27.41 -20.23 13.06
CA HIS B 49 27.40 -19.64 14.44
C HIS B 49 26.12 -19.87 15.26
N LEU B 50 25.14 -20.62 14.75
CA LEU B 50 23.87 -20.81 15.44
C LEU B 50 23.87 -22.14 16.19
N ASP B 51 22.90 -22.29 17.08
CA ASP B 51 22.75 -23.52 17.83
C ASP B 51 22.04 -24.58 16.99
N LYS B 52 21.96 -25.79 17.54
CA LYS B 52 21.40 -26.92 16.80
C LYS B 52 19.93 -26.71 16.49
N ALA B 53 19.16 -26.21 17.46
CA ALA B 53 17.74 -25.98 17.24
C ALA B 53 17.51 -24.95 16.15
N SER B 54 18.35 -23.92 16.09
CA SER B 54 18.23 -22.93 15.02
C SER B 54 18.54 -23.54 13.66
N ILE B 55 19.52 -24.44 13.60
CA ILE B 55 19.82 -25.13 12.35
C ILE B 55 18.63 -25.97 11.90
N MET B 56 18.02 -26.69 12.84
CA MET B 56 16.84 -27.49 12.51
C MET B 56 15.70 -26.60 12.01
N ARG B 57 15.46 -25.48 12.71
CA ARG B 57 14.39 -24.57 12.33
C ARG B 57 14.62 -24.02 10.92
N LEU B 58 15.84 -23.56 10.64
CA LEU B 58 16.14 -22.99 9.34
C LEU B 58 16.05 -24.03 8.23
N ALA B 59 16.52 -25.26 8.50
CA ALA B 59 16.43 -26.32 7.50
C ALA B 59 14.99 -26.65 7.17
N ILE B 60 14.16 -26.80 8.20
CA ILE B 60 12.75 -27.11 7.98
C ILE B 60 12.06 -25.98 7.22
N SER B 61 12.36 -24.73 7.59
CA SER B 61 11.75 -23.60 6.91
C SER B 61 12.16 -23.53 5.44
N PHE B 62 13.44 -23.79 5.16
CA PHE B 62 13.91 -23.79 3.78
C PHE B 62 13.24 -24.90 2.98
N LEU B 63 13.08 -26.07 3.58
CA LEU B 63 12.45 -27.18 2.87
C LEU B 63 10.97 -26.90 2.60
N ARG B 64 10.27 -26.29 3.56
CA ARG B 64 8.88 -25.92 3.33
C ARG B 64 8.76 -24.84 2.26
N THR B 65 9.69 -23.87 2.26
CA THR B 65 9.67 -22.83 1.25
C THR B 65 9.92 -23.42 -0.13
N HIS B 66 10.82 -24.40 -0.23
CA HIS B 66 11.06 -25.06 -1.51
C HIS B 66 9.84 -25.87 -1.94
N LYS B 67 9.17 -26.52 -0.99
CA LYS B 67 7.96 -27.26 -1.31
C LYS B 67 6.86 -26.34 -1.83
N LEU B 68 6.78 -25.12 -1.31
CA LEU B 68 5.82 -24.15 -1.83
C LEU B 68 6.26 -23.59 -3.18
N LEU B 69 7.56 -23.35 -3.35
CA LEU B 69 8.07 -22.84 -4.62
C LEU B 69 7.86 -23.83 -5.74
N SER B 70 7.89 -25.12 -5.44
CA SER B 70 7.55 -26.13 -6.44
C SER B 70 6.10 -25.97 -6.89
N SER B 71 5.24 -25.45 -6.02
CA SER B 71 3.83 -25.29 -6.38
C SER B 71 3.58 -23.99 -7.14
N VAL B 72 4.18 -22.88 -6.68
CA VAL B 72 3.90 -21.60 -7.34
C VAL B 72 4.56 -21.55 -8.71
N CYS B 73 5.76 -22.11 -8.85
CA CYS B 73 6.45 -22.18 -10.14
C CYS B 73 6.01 -23.47 -10.83
N SER B 74 4.92 -23.37 -11.58
CA SER B 74 4.34 -24.51 -12.30
C SER B 74 4.03 -25.67 -11.36
N GLN B 85 23.96 -14.66 -8.69
CA GLN B 85 23.36 -14.41 -9.98
C GLN B 85 22.65 -13.06 -9.99
N MET B 86 21.38 -13.06 -10.38
CA MET B 86 20.57 -11.84 -10.39
C MET B 86 19.84 -11.62 -9.08
N ASP B 87 20.19 -12.35 -8.02
CA ASP B 87 19.57 -12.14 -6.73
C ASP B 87 19.91 -10.77 -6.16
N ASN B 88 21.11 -10.27 -6.44
CA ASN B 88 21.50 -8.96 -5.93
C ASN B 88 20.63 -7.86 -6.51
N LEU B 89 20.32 -7.94 -7.81
CA LEU B 89 19.51 -6.91 -8.44
C LEU B 89 18.09 -6.90 -7.91
N TYR B 90 17.50 -8.08 -7.72
CA TYR B 90 16.12 -8.16 -7.25
C TYR B 90 16.03 -7.74 -5.78
N LEU B 91 16.94 -8.25 -4.94
CA LEU B 91 16.86 -7.98 -3.52
C LEU B 91 17.30 -6.56 -3.16
N LYS B 92 18.21 -5.98 -3.96
CA LYS B 92 18.72 -4.65 -3.64
C LYS B 92 17.79 -3.55 -4.12
N ALA B 93 17.08 -3.77 -5.23
CA ALA B 93 16.17 -2.76 -5.77
C ALA B 93 14.81 -2.79 -5.09
N LEU B 94 14.64 -3.56 -4.02
CA LEU B 94 13.38 -3.63 -3.29
C LEU B 94 13.40 -2.65 -2.12
N GLU B 95 12.31 -1.90 -1.97
CA GLU B 95 12.12 -1.06 -0.79
C GLU B 95 11.39 -1.80 0.33
N GLY B 96 11.51 -3.12 0.36
CA GLY B 96 10.88 -3.93 1.38
C GLY B 96 11.47 -5.31 1.38
N PHE B 97 10.78 -6.22 2.08
CA PHE B 97 11.22 -7.61 2.19
C PHE B 97 10.06 -8.55 1.93
N ILE B 98 10.39 -9.73 1.41
CA ILE B 98 9.38 -10.74 1.08
C ILE B 98 9.18 -11.66 2.28
N ALA B 99 7.93 -11.94 2.59
CA ALA B 99 7.58 -12.80 3.72
C ALA B 99 6.61 -13.86 3.26
N VAL B 100 6.98 -15.13 3.44
CA VAL B 100 6.11 -16.27 3.22
C VAL B 100 5.78 -16.85 4.58
N VAL B 101 4.52 -16.69 5.00
CA VAL B 101 4.05 -17.07 6.32
C VAL B 101 2.97 -18.13 6.19
N THR B 102 3.08 -19.19 6.99
CA THR B 102 2.10 -20.28 6.92
C THR B 102 0.76 -19.82 7.50
N GLN B 103 -0.21 -20.73 7.45
CA GLN B 103 -1.55 -20.41 7.95
C GLN B 103 -1.57 -20.27 9.46
N ASP B 104 -0.66 -20.96 10.15
CA ASP B 104 -0.57 -20.88 11.60
C ASP B 104 0.28 -19.72 12.09
N GLY B 105 0.84 -18.93 11.17
CA GLY B 105 1.67 -17.79 11.53
C GLY B 105 3.16 -18.02 11.42
N ASP B 106 3.59 -19.22 11.04
CA ASP B 106 5.02 -19.50 10.94
C ASP B 106 5.60 -18.81 9.71
N MET B 107 6.58 -17.93 9.93
CA MET B 107 7.26 -17.23 8.84
C MET B 107 8.33 -18.16 8.27
N ILE B 108 7.88 -19.06 7.39
CA ILE B 108 8.79 -20.04 6.82
C ILE B 108 9.79 -19.41 5.86
N PHE B 109 9.52 -18.22 5.34
CA PHE B 109 10.51 -17.54 4.51
C PHE B 109 10.52 -16.05 4.81
N LEU B 110 11.72 -15.51 4.99
CA LEU B 110 11.93 -14.08 5.15
C LEU B 110 13.13 -13.68 4.31
N SER B 111 12.94 -12.69 3.44
CA SER B 111 14.04 -12.23 2.60
C SER B 111 15.17 -11.66 3.45
N GLU B 112 16.37 -11.67 2.87
CA GLU B 112 17.55 -11.22 3.62
C GLU B 112 17.45 -9.73 3.97
N ASN B 113 17.13 -8.90 2.97
CA ASN B 113 17.08 -7.45 3.17
C ASN B 113 16.21 -7.04 4.34
N ILE B 114 15.36 -7.94 4.86
CA ILE B 114 14.61 -7.66 6.09
C ILE B 114 15.49 -6.99 7.14
N SER B 115 16.75 -7.43 7.25
CA SER B 115 17.67 -6.78 8.20
C SER B 115 17.76 -5.29 7.91
N LYS B 116 18.07 -4.94 6.66
CA LYS B 116 18.18 -3.55 6.24
C LYS B 116 16.97 -2.73 6.66
N PHE B 117 15.80 -3.37 6.80
CA PHE B 117 14.59 -2.63 7.15
C PHE B 117 14.12 -2.86 8.57
N MET B 118 14.62 -3.88 9.26
CA MET B 118 14.07 -4.24 10.57
C MET B 118 15.10 -4.41 11.67
N GLY B 119 16.39 -4.45 11.35
CA GLY B 119 17.38 -4.81 12.36
C GLY B 119 17.39 -6.28 12.72
N LEU B 120 16.22 -6.86 12.95
CA LEU B 120 16.11 -8.31 13.09
C LEU B 120 16.41 -8.94 11.73
N THR B 121 17.36 -9.86 11.70
CA THR B 121 17.85 -10.42 10.45
C THR B 121 17.13 -11.73 10.13
N GLN B 122 17.61 -12.42 9.08
CA GLN B 122 16.93 -13.61 8.58
C GLN B 122 16.99 -14.74 9.59
N VAL B 123 18.18 -15.04 10.12
CA VAL B 123 18.35 -16.23 10.95
C VAL B 123 17.57 -16.11 12.25
N GLU B 124 17.42 -14.91 12.78
CA GLU B 124 16.76 -14.74 14.08
C GLU B 124 15.25 -14.84 14.00
N LEU B 125 14.66 -14.74 12.81
CA LEU B 125 13.21 -14.69 12.68
C LEU B 125 12.61 -15.79 11.82
N THR B 126 13.37 -16.38 10.91
CA THR B 126 12.84 -17.44 10.05
C THR B 126 12.45 -18.65 10.87
N GLY B 127 11.22 -19.13 10.68
CA GLY B 127 10.70 -20.26 11.39
C GLY B 127 9.86 -19.92 12.61
N HIS B 128 9.95 -18.68 13.09
CA HIS B 128 9.20 -18.26 14.25
C HIS B 128 7.83 -17.72 13.85
N SER B 129 6.94 -17.57 14.83
CA SER B 129 5.60 -17.11 14.57
C SER B 129 5.57 -15.61 14.31
N ILE B 130 4.69 -15.18 13.41
CA ILE B 130 4.56 -13.76 13.12
C ILE B 130 3.94 -13.03 14.31
N PHE B 131 3.14 -13.72 15.12
CA PHE B 131 2.52 -13.09 16.27
C PHE B 131 3.51 -12.81 17.38
N ASP B 132 4.65 -13.51 17.41
CA ASP B 132 5.69 -13.26 18.39
C ASP B 132 6.57 -12.07 18.02
N PHE B 133 6.32 -11.42 16.89
CA PHE B 133 7.11 -10.27 16.49
C PHE B 133 6.20 -9.29 15.76
N THR B 134 5.01 -9.02 16.30
CA THR B 134 4.07 -8.09 15.69
C THR B 134 3.26 -7.53 16.84
N HIS B 135 2.70 -6.35 16.62
CA HIS B 135 1.92 -5.68 17.66
C HIS B 135 0.66 -6.48 17.94
N PRO B 136 0.35 -6.78 19.21
CA PRO B 136 -0.84 -7.58 19.51
C PRO B 136 -2.14 -6.97 19.04
N CYS B 137 -2.22 -5.63 18.98
CA CYS B 137 -3.43 -4.97 18.49
C CYS B 137 -3.64 -5.17 17.00
N ASP B 138 -2.72 -5.81 16.30
CA ASP B 138 -2.86 -6.13 14.89
C ASP B 138 -2.95 -7.62 14.62
N HIS B 139 -2.97 -8.45 15.68
CA HIS B 139 -2.94 -9.90 15.48
C HIS B 139 -4.23 -10.42 14.85
N GLU B 140 -5.37 -9.81 15.19
CA GLU B 140 -6.63 -10.27 14.61
C GLU B 140 -6.69 -9.95 13.11
N GLU B 141 -6.20 -8.77 12.72
CA GLU B 141 -6.16 -8.43 11.30
C GLU B 141 -5.16 -9.31 10.56
N ILE B 142 -4.00 -9.58 11.18
CA ILE B 142 -3.03 -10.49 10.58
C ILE B 142 -3.64 -11.87 10.39
N ARG B 143 -4.44 -12.33 11.36
CA ARG B 143 -5.08 -13.63 11.24
C ARG B 143 -6.11 -13.64 10.12
N GLU B 144 -6.99 -12.65 10.09
CA GLU B 144 -8.02 -12.60 9.05
C GLU B 144 -7.45 -12.31 7.67
N ASN B 145 -6.19 -11.87 7.58
CA ASN B 145 -5.51 -11.79 6.29
C ASN B 145 -4.76 -13.07 5.93
N LEU B 146 -4.50 -13.93 6.91
CA LEU B 146 -3.81 -15.19 6.65
C LEU B 146 -4.73 -16.29 6.14
N THR B 147 -6.03 -16.15 6.34
CA THR B 147 -6.99 -17.20 6.00
C THR B 147 -7.50 -17.03 4.56
N LEU B 148 -8.06 -18.11 4.04
CA LEU B 148 -8.63 -18.14 2.69
C LEU B 148 -7.64 -17.68 1.62
N VAL B 161 -13.88 -15.41 -3.07
CA VAL B 161 -12.64 -16.13 -2.81
C VAL B 161 -11.45 -15.31 -3.30
N SER B 162 -11.46 -14.02 -2.99
CA SER B 162 -10.36 -13.14 -3.40
C SER B 162 -9.09 -13.52 -2.64
N THR B 163 -7.99 -13.64 -3.38
CA THR B 163 -6.72 -14.03 -2.79
C THR B 163 -5.77 -12.87 -2.53
N GLU B 164 -6.04 -11.70 -3.11
CA GLU B 164 -5.18 -10.55 -2.88
C GLU B 164 -5.33 -10.02 -1.48
N ARG B 165 -4.23 -9.59 -0.88
CA ARG B 165 -4.19 -9.04 0.47
C ARG B 165 -3.40 -7.75 0.46
N ASP B 166 -3.88 -6.76 1.21
CA ASP B 166 -3.24 -5.45 1.27
C ASP B 166 -3.62 -4.99 2.68
N PHE B 167 -2.63 -4.88 3.55
CA PHE B 167 -2.88 -4.42 4.92
C PHE B 167 -1.67 -3.66 5.43
N PHE B 168 -1.80 -3.13 6.65
CA PHE B 168 -0.72 -2.46 7.37
C PHE B 168 -0.56 -3.15 8.72
N MET B 169 0.67 -3.54 9.04
CA MET B 169 0.94 -4.25 10.29
C MET B 169 2.19 -3.70 10.96
N ARG B 170 2.19 -3.74 12.29
CA ARG B 170 3.30 -3.21 13.08
C ARG B 170 4.21 -4.36 13.51
N MET B 171 5.48 -4.27 13.16
CA MET B 171 6.46 -5.31 13.47
C MET B 171 7.56 -4.74 14.37
N LYS B 172 8.18 -5.62 15.14
CA LYS B 172 9.32 -5.24 15.96
C LYS B 172 10.47 -4.76 15.09
N CYS B 173 11.03 -3.60 15.42
CA CYS B 173 12.18 -3.05 14.72
C CYS B 173 13.26 -2.73 15.74
N THR B 174 14.47 -3.24 15.51
CA THR B 174 15.58 -3.06 16.43
C THR B 174 16.74 -2.39 15.72
N VAL B 175 16.45 -1.47 14.80
CA VAL B 175 17.46 -0.66 14.14
C VAL B 175 17.01 0.80 14.19
N THR B 176 17.99 1.70 14.32
CA THR B 176 17.73 3.12 14.38
C THR B 176 18.05 3.76 13.02
N ASN B 177 17.67 5.03 12.88
CA ASN B 177 17.91 5.75 11.64
C ASN B 177 19.39 6.00 11.37
N ARG B 178 20.26 5.79 12.36
CA ARG B 178 21.70 5.92 12.19
C ARG B 178 22.34 4.65 11.63
N GLY B 179 21.54 3.69 11.16
CA GLY B 179 22.09 2.45 10.64
C GLY B 179 22.67 1.52 11.68
N ARG B 180 22.46 1.80 12.97
CA ARG B 180 23.01 0.99 14.04
C ARG B 180 21.92 0.11 14.62
N THR B 181 22.21 -1.19 14.73
CA THR B 181 21.25 -2.16 15.25
C THR B 181 21.26 -2.16 16.77
N VAL B 182 20.09 -2.32 17.37
CA VAL B 182 19.91 -2.23 18.81
C VAL B 182 19.36 -3.55 19.31
N ASN B 183 19.55 -3.80 20.62
CA ASN B 183 19.08 -5.02 21.25
C ASN B 183 17.55 -5.13 21.15
N LEU B 184 17.07 -6.37 21.26
CA LEU B 184 15.64 -6.64 21.11
C LEU B 184 14.81 -5.96 22.19
N LYS B 185 15.39 -5.76 23.38
CA LYS B 185 14.64 -5.13 24.46
C LYS B 185 14.22 -3.71 24.09
N SER B 186 15.07 -3.00 23.33
CA SER B 186 14.75 -1.65 22.86
C SER B 186 14.32 -2.01 21.44
N ALA B 187 13.04 -2.29 21.28
CA ALA B 187 12.42 -2.55 19.99
C ALA B 187 11.27 -1.58 19.82
N THR B 188 11.31 -0.81 18.74
CA THR B 188 10.21 0.06 18.36
C THR B 188 9.22 -0.69 17.48
N TRP B 189 8.09 -0.05 17.19
CA TRP B 189 7.08 -0.61 16.32
C TRP B 189 7.16 0.09 14.96
N LYS B 190 7.49 -0.68 13.93
CA LYS B 190 7.59 -0.14 12.57
C LYS B 190 6.39 -0.62 11.76
N VAL B 191 5.72 0.32 11.11
CA VAL B 191 4.56 -0.01 10.29
C VAL B 191 5.04 -0.49 8.92
N LEU B 192 4.41 -1.56 8.43
CA LEU B 192 4.77 -2.18 7.16
C LEU B 192 3.50 -2.33 6.34
N HIS B 193 3.52 -1.80 5.12
CA HIS B 193 2.47 -2.04 4.14
C HIS B 193 2.76 -3.38 3.47
N CYS B 194 1.91 -4.37 3.73
CA CYS B 194 2.09 -5.72 3.21
C CYS B 194 1.06 -5.96 2.12
N THR B 195 1.55 -6.22 0.91
CA THR B 195 0.68 -6.49 -0.23
C THR B 195 1.12 -7.81 -0.81
N GLY B 196 0.21 -8.77 -0.89
CA GLY B 196 0.55 -10.10 -1.42
C GLY B 196 -0.64 -10.95 -1.76
N GLN B 197 -0.48 -12.28 -1.76
CA GLN B 197 -1.54 -13.20 -2.11
C GLN B 197 -1.54 -14.39 -1.15
N VAL B 198 -2.71 -14.95 -0.94
CA VAL B 198 -2.88 -16.23 -0.24
C VAL B 198 -2.93 -17.33 -1.29
N ARG B 199 -2.20 -18.41 -1.04
CA ARG B 199 -2.07 -19.50 -2.00
C ARG B 199 -2.17 -20.83 -1.28
N VAL B 200 -3.00 -21.72 -1.81
CA VAL B 200 -3.13 -23.08 -1.29
C VAL B 200 -2.13 -23.96 -2.01
N TYR B 201 -1.49 -24.86 -1.25
CA TYR B 201 -0.47 -25.74 -1.79
C TYR B 201 -0.41 -27.00 -0.95
N ASN B 202 0.46 -27.93 -1.34
CA ASN B 202 0.67 -29.16 -0.59
C ASN B 202 2.08 -29.69 -0.80
N LEU B 218 -2.17 -27.23 2.75
CA LEU B 218 -1.87 -26.05 3.55
C LEU B 218 -2.09 -24.77 2.75
N SER B 219 -2.06 -23.64 3.44
CA SER B 219 -2.20 -22.33 2.83
C SER B 219 -1.09 -21.42 3.32
N CYS B 220 -0.67 -20.50 2.46
CA CYS B 220 0.42 -19.59 2.80
C CYS B 220 0.10 -18.18 2.32
N LEU B 221 0.60 -17.20 3.05
CA LEU B 221 0.51 -15.79 2.68
C LEU B 221 1.89 -15.36 2.20
N ILE B 222 1.99 -15.03 0.92
CA ILE B 222 3.21 -14.55 0.30
C ILE B 222 3.02 -13.06 0.06
N ILE B 223 3.74 -12.25 0.84
CA ILE B 223 3.55 -10.80 0.82
C ILE B 223 4.88 -10.11 0.63
N MET B 224 4.82 -8.90 0.09
CA MET B 224 5.92 -7.96 0.13
C MET B 224 5.57 -6.89 1.16
N CYS B 225 6.45 -6.71 2.13
CA CYS B 225 6.26 -5.75 3.22
C CYS B 225 7.21 -4.59 3.00
N GLU B 226 6.65 -3.40 2.76
CA GLU B 226 7.41 -2.19 2.55
C GLU B 226 7.26 -1.27 3.74
N PRO B 227 8.35 -0.78 4.32
CA PRO B 227 8.22 0.26 5.35
C PRO B 227 7.83 1.59 4.73
N ILE B 228 7.20 2.42 5.54
CA ILE B 228 6.79 3.76 5.13
C ILE B 228 7.84 4.74 5.64
N GLN B 229 8.53 5.41 4.71
CA GLN B 229 9.64 6.27 5.07
C GLN B 229 9.17 7.45 5.90
N HIS B 230 9.88 7.71 6.99
CA HIS B 230 9.54 8.85 7.84
C HIS B 230 9.93 10.14 7.13
N PRO B 231 9.04 11.15 7.11
CA PRO B 231 9.34 12.36 6.34
C PRO B 231 10.57 13.12 6.83
N SER B 232 10.89 13.01 8.12
CA SER B 232 12.09 13.68 8.63
C SER B 232 13.35 12.97 8.15
N HIS B 233 13.43 11.66 8.37
CA HIS B 233 14.57 10.85 7.95
C HIS B 233 14.21 10.20 6.62
N MET B 234 14.44 10.93 5.54
CA MET B 234 14.12 10.48 4.19
C MET B 234 15.35 10.60 3.31
N ASP B 235 15.56 9.60 2.45
CA ASP B 235 16.76 9.59 1.57
C ASP B 235 16.34 9.06 0.19
N ILE B 236 15.49 9.81 -0.52
CA ILE B 236 15.08 9.39 -1.90
C ILE B 236 14.81 10.68 -2.67
N PRO B 237 15.47 10.91 -3.83
CA PRO B 237 15.19 12.06 -4.67
C PRO B 237 13.69 12.31 -4.58
N LEU B 238 13.29 13.53 -4.25
CA LEU B 238 11.85 13.84 -4.08
C LEU B 238 11.46 14.49 -5.41
N ASP B 239 10.57 13.84 -6.15
CA ASP B 239 10.16 14.35 -7.47
C ASP B 239 9.61 15.75 -7.24
N SER B 240 9.80 16.62 -8.21
CA SER B 240 9.14 17.92 -8.24
C SER B 240 7.62 17.77 -8.37
N LYS B 241 7.14 16.59 -8.77
CA LYS B 241 5.73 16.29 -8.80
C LYS B 241 5.21 15.79 -7.46
N THR B 242 5.92 16.07 -6.37
CA THR B 242 5.50 15.71 -5.03
C THR B 242 5.60 16.93 -4.12
N PHE B 243 4.69 17.01 -3.15
CA PHE B 243 4.68 18.13 -2.22
C PHE B 243 4.32 17.65 -0.82
N LEU B 244 4.79 18.40 0.17
CA LEU B 244 4.59 18.05 1.57
C LEU B 244 3.48 18.89 2.18
N SER B 245 2.84 18.33 3.21
CA SER B 245 1.76 19.02 3.89
C SER B 245 1.70 18.57 5.34
N ARG B 246 1.37 19.49 6.23
CA ARG B 246 1.22 19.19 7.65
C ARG B 246 -0.25 19.32 8.04
N HIS B 247 -0.71 18.40 8.89
CA HIS B 247 -2.11 18.35 9.26
C HIS B 247 -2.24 18.16 10.76
N SER B 248 -3.39 18.57 11.30
CA SER B 248 -3.77 18.18 12.64
C SER B 248 -4.32 16.76 12.60
N MET B 249 -4.74 16.24 13.76
CA MET B 249 -5.17 14.86 13.84
C MET B 249 -6.52 14.63 13.17
N ASP B 250 -7.31 15.67 12.96
CA ASP B 250 -8.53 15.56 12.16
C ASP B 250 -8.26 15.80 10.68
N MET B 251 -6.98 15.78 10.27
CA MET B 251 -6.56 15.94 8.88
C MET B 251 -6.86 17.32 8.33
N LYS B 252 -6.85 18.35 9.18
CA LYS B 252 -7.01 19.73 8.74
C LYS B 252 -5.65 20.33 8.45
N PHE B 253 -5.57 21.07 7.34
CA PHE B 253 -4.29 21.67 6.93
C PHE B 253 -3.80 22.66 7.97
N THR B 254 -2.58 22.44 8.46
CA THR B 254 -1.89 23.41 9.31
C THR B 254 -0.66 23.99 8.63
N TYR B 255 -0.20 23.37 7.53
CA TYR B 255 0.94 23.84 6.75
C TYR B 255 0.92 23.10 5.41
N CYS B 256 1.35 23.80 4.37
CA CYS B 256 1.44 23.21 3.04
C CYS B 256 2.66 23.76 2.32
N ASP B 257 3.16 22.99 1.36
CA ASP B 257 4.32 23.38 0.58
C ASP B 257 3.89 24.32 -0.55
N ASP B 258 4.85 25.09 -1.06
CA ASP B 258 4.55 26.05 -2.11
C ASP B 258 4.23 25.38 -3.43
N ARG B 259 4.79 24.19 -3.68
CA ARG B 259 4.62 23.53 -4.97
C ARG B 259 3.15 23.21 -5.27
N ILE B 260 2.28 23.20 -4.25
CA ILE B 260 0.86 22.95 -4.49
C ILE B 260 0.29 24.02 -5.41
N LEU B 261 0.88 25.21 -5.42
CA LEU B 261 0.43 26.25 -6.35
C LEU B 261 0.79 25.89 -7.78
N GLU B 262 1.94 25.28 -7.99
CA GLU B 262 2.39 24.91 -9.32
C GLU B 262 1.88 23.55 -9.78
N LEU B 263 1.19 22.82 -8.90
CA LEU B 263 0.72 21.47 -9.21
C LEU B 263 -0.79 21.35 -9.22
N ILE B 264 -1.48 22.00 -8.29
CA ILE B 264 -2.94 21.90 -8.21
C ILE B 264 -3.55 23.29 -8.36
N GLY B 265 -2.84 24.32 -7.93
CA GLY B 265 -3.28 25.69 -8.11
C GLY B 265 -3.68 26.42 -6.86
N TYR B 266 -3.72 25.76 -5.71
CA TYR B 266 -4.07 26.43 -4.46
C TYR B 266 -2.87 27.16 -3.90
N HIS B 267 -3.12 28.33 -3.33
CA HIS B 267 -2.09 29.02 -2.56
C HIS B 267 -2.04 28.45 -1.15
N PRO B 268 -0.86 28.15 -0.61
CA PRO B 268 -0.79 27.49 0.69
C PRO B 268 -1.48 28.24 1.82
N GLU B 269 -1.78 29.53 1.65
CA GLU B 269 -2.47 30.27 2.69
C GLU B 269 -3.95 29.88 2.76
N GLU B 270 -4.61 29.75 1.60
CA GLU B 270 -6.04 29.52 1.56
C GLU B 270 -6.44 28.10 1.89
N LEU B 271 -5.49 27.22 2.22
CA LEU B 271 -5.81 25.86 2.64
C LEU B 271 -5.71 25.67 4.15
N LEU B 272 -5.00 26.56 4.84
CA LEU B 272 -4.85 26.41 6.28
C LEU B 272 -6.20 26.48 6.99
N GLY B 273 -6.33 25.70 8.06
CA GLY B 273 -7.58 25.63 8.79
C GLY B 273 -8.71 24.93 8.07
N ARG B 274 -8.49 24.47 6.84
CA ARG B 274 -9.50 23.78 6.07
C ARG B 274 -9.41 22.28 6.28
N SER B 275 -10.57 21.62 6.27
CA SER B 275 -10.62 20.17 6.37
C SER B 275 -10.27 19.56 5.03
N ALA B 276 -9.27 18.68 5.00
CA ALA B 276 -8.91 18.00 3.77
C ALA B 276 -10.04 17.13 3.25
N TYR B 277 -11.04 16.83 4.08
CA TYR B 277 -12.18 16.05 3.64
C TYR B 277 -13.06 16.79 2.64
N GLU B 278 -12.84 18.10 2.47
CA GLU B 278 -13.61 18.91 1.55
C GLU B 278 -12.96 19.06 0.19
N PHE B 279 -11.69 18.66 0.04
CA PHE B 279 -10.92 18.92 -1.16
C PHE B 279 -10.66 17.69 -2.01
N TYR B 280 -11.27 16.55 -1.69
CA TYR B 280 -11.13 15.39 -2.56
C TYR B 280 -12.52 14.93 -3.02
N HIS B 281 -12.51 14.13 -4.09
CA HIS B 281 -13.75 13.70 -4.72
C HIS B 281 -14.54 12.77 -3.80
N ALA B 282 -15.86 12.85 -3.90
CA ALA B 282 -16.73 12.07 -3.03
C ALA B 282 -16.55 10.57 -3.25
N LEU B 283 -16.30 10.15 -4.50
CA LEU B 283 -16.13 8.74 -4.81
C LEU B 283 -14.96 8.09 -4.08
N ASP B 284 -14.11 8.89 -3.43
CA ASP B 284 -12.99 8.37 -2.67
C ASP B 284 -13.22 8.42 -1.16
N SER B 285 -14.32 9.03 -0.72
CA SER B 285 -14.58 9.27 0.70
C SER B 285 -14.42 8.13 1.70
N GLU B 286 -14.98 6.97 1.38
CA GLU B 286 -14.72 5.74 2.11
C GLU B 286 -13.23 5.40 2.13
N ASN B 287 -12.64 5.30 0.94
CA ASN B 287 -11.25 4.84 0.83
C ASN B 287 -10.29 5.76 1.57
N MET B 288 -10.72 6.98 1.93
CA MET B 288 -9.86 7.86 2.70
C MET B 288 -10.01 7.61 4.20
N THR B 289 -11.24 7.43 4.67
CA THR B 289 -11.49 7.26 6.10
C THR B 289 -10.61 6.16 6.68
N LYS B 290 -10.70 4.96 6.08
CA LYS B 290 -9.85 3.85 6.48
C LYS B 290 -8.41 4.29 6.64
N SER B 291 -7.86 4.95 5.61
CA SER B 291 -6.50 5.47 5.67
C SER B 291 -6.30 6.27 6.96
N HIS B 292 -7.12 7.30 7.15
CA HIS B 292 -7.07 8.09 8.37
C HIS B 292 -7.05 7.18 9.60
N GLN B 293 -8.04 6.27 9.68
CA GLN B 293 -8.11 5.37 10.82
C GLN B 293 -6.80 4.60 10.99
N ASN B 294 -6.30 4.02 9.90
CA ASN B 294 -5.01 3.33 9.97
C ASN B 294 -3.92 4.30 10.40
N LEU B 295 -3.89 5.48 9.77
CA LEU B 295 -2.91 6.49 10.15
C LEU B 295 -3.05 6.88 11.61
N CYS B 296 -4.26 6.77 12.16
CA CYS B 296 -4.49 7.09 13.57
C CYS B 296 -4.29 5.88 14.47
N THR B 297 -4.35 4.67 13.94
CA THR B 297 -4.23 3.48 14.76
C THR B 297 -2.79 2.96 14.81
N LYS B 298 -2.07 3.07 13.70
CA LYS B 298 -0.70 2.58 13.61
C LYS B 298 0.33 3.68 13.51
N GLY B 299 -0.07 4.91 13.23
CA GLY B 299 0.85 6.03 13.12
C GLY B 299 1.44 6.24 11.74
N GLN B 300 1.09 5.40 10.77
CA GLN B 300 1.62 5.51 9.41
C GLN B 300 0.69 4.78 8.46
N VAL B 301 0.55 5.33 7.25
CA VAL B 301 -0.34 4.75 6.25
C VAL B 301 0.11 5.23 4.88
N VAL B 302 -0.27 4.46 3.85
CA VAL B 302 -0.13 4.87 2.46
C VAL B 302 -1.51 4.77 1.83
N SER B 303 -2.04 5.91 1.39
CA SER B 303 -3.36 5.93 0.78
C SER B 303 -3.30 5.34 -0.62
N GLY B 304 -4.47 5.14 -1.22
CA GLY B 304 -4.58 4.74 -2.60
C GLY B 304 -4.64 5.93 -3.52
N GLN B 305 -4.88 5.66 -4.79
CA GLN B 305 -5.05 6.72 -5.77
C GLN B 305 -6.36 7.46 -5.48
N TYR B 306 -6.27 8.74 -5.16
CA TYR B 306 -7.45 9.53 -4.85
C TYR B 306 -7.40 10.86 -5.58
N ARG B 307 -8.58 11.41 -5.87
CA ARG B 307 -8.72 12.62 -6.66
C ARG B 307 -8.89 13.81 -5.71
N MET B 308 -7.91 14.71 -5.70
CA MET B 308 -8.04 15.98 -4.98
C MET B 308 -8.58 17.03 -5.93
N LEU B 309 -9.66 17.70 -5.52
CA LEU B 309 -10.29 18.71 -6.38
C LEU B 309 -9.33 19.87 -6.61
N ALA B 310 -9.12 20.20 -7.88
CA ALA B 310 -8.21 21.28 -8.24
C ALA B 310 -8.82 22.63 -7.91
N LYS B 311 -7.99 23.68 -8.02
CA LYS B 311 -8.43 25.02 -7.65
C LYS B 311 -9.46 25.55 -8.63
N HIS B 312 -9.13 25.64 -9.91
CA HIS B 312 -10.08 26.30 -10.83
C HIS B 312 -10.84 25.25 -11.66
N GLY B 313 -11.17 24.14 -11.05
CA GLY B 313 -11.96 23.12 -11.76
C GLY B 313 -11.19 21.84 -11.92
N GLY B 314 -11.88 20.71 -11.92
CA GLY B 314 -11.15 19.49 -12.17
C GLY B 314 -10.53 18.89 -10.92
N TYR B 315 -9.75 17.84 -11.13
CA TYR B 315 -9.09 17.16 -10.02
C TYR B 315 -7.75 16.62 -10.47
N VAL B 316 -6.92 16.28 -9.49
CA VAL B 316 -5.58 15.75 -9.69
C VAL B 316 -5.45 14.46 -8.91
N TRP B 317 -4.85 13.44 -9.53
CA TRP B 317 -4.64 12.17 -8.88
C TRP B 317 -3.46 12.26 -7.91
N LEU B 318 -3.60 11.58 -6.77
CA LEU B 318 -2.63 11.70 -5.69
C LEU B 318 -2.51 10.37 -4.96
N GLU B 319 -1.31 10.11 -4.44
CA GLU B 319 -1.05 9.06 -3.48
C GLU B 319 -0.24 9.66 -2.35
N THR B 320 -0.71 9.49 -1.12
CA THR B 320 -0.14 10.18 0.04
C THR B 320 0.36 9.17 1.06
N GLN B 321 1.58 9.37 1.54
CA GLN B 321 2.12 8.63 2.68
C GLN B 321 1.99 9.51 3.92
N GLY B 322 1.11 9.11 4.83
CA GLY B 322 0.87 9.85 6.06
C GLY B 322 1.62 9.23 7.23
N THR B 323 2.21 10.10 8.06
CA THR B 323 2.97 9.68 9.21
C THR B 323 2.59 10.54 10.40
N VAL B 324 2.31 9.90 11.54
CA VAL B 324 1.99 10.63 12.76
C VAL B 324 3.30 11.05 13.42
N ILE B 325 3.48 12.36 13.58
CA ILE B 325 4.69 12.91 14.20
C ILE B 325 4.42 13.11 15.68
N TYR B 326 5.34 12.65 16.52
CA TYR B 326 5.24 12.82 17.96
C TYR B 326 6.19 13.90 18.43
N ASN B 327 5.73 14.71 19.38
CA ASN B 327 6.57 15.75 19.92
C ASN B 327 7.75 15.12 20.67
N PRO B 328 8.99 15.53 20.39
CA PRO B 328 10.14 14.81 20.93
C PRO B 328 10.35 15.01 22.43
N ARG B 329 9.76 16.04 23.04
CA ARG B 329 10.01 16.34 24.45
C ARG B 329 8.92 15.81 25.38
N ASN B 330 7.66 15.82 24.97
CA ASN B 330 6.57 15.31 25.80
C ASN B 330 5.96 14.02 25.24
N LEU B 331 6.44 13.54 24.09
CA LEU B 331 5.99 12.28 23.50
C LEU B 331 4.49 12.28 23.21
N GLN B 332 3.93 13.44 22.91
CA GLN B 332 2.53 13.54 22.51
C GLN B 332 2.43 13.71 21.00
N PRO B 333 1.37 13.18 20.38
CA PRO B 333 1.20 13.35 18.94
C PRO B 333 1.07 14.83 18.67
N GLN B 334 1.98 15.38 17.86
CA GLN B 334 1.99 16.81 17.58
C GLN B 334 1.15 17.04 16.33
N CYS B 335 1.47 16.35 15.25
CA CYS B 335 0.83 16.60 13.96
C CYS B 335 1.03 15.38 13.07
N ILE B 336 0.54 15.49 11.83
CA ILE B 336 0.62 14.42 10.83
C ILE B 336 1.31 14.99 9.61
N MET B 337 2.46 14.43 9.25
CA MET B 337 3.18 14.86 8.06
C MET B 337 2.82 13.97 6.88
N CYS B 338 2.61 14.58 5.72
CA CYS B 338 2.11 13.87 4.55
C CYS B 338 2.95 14.25 3.34
N VAL B 339 3.44 13.23 2.63
CA VAL B 339 4.15 13.41 1.36
C VAL B 339 3.20 12.95 0.27
N ASN B 340 2.77 13.88 -0.58
CA ASN B 340 1.76 13.63 -1.60
C ASN B 340 2.41 13.60 -2.96
N TYR B 341 2.19 12.51 -3.70
CA TYR B 341 2.76 12.29 -5.02
C TYR B 341 1.69 12.63 -6.06
N VAL B 342 1.89 13.74 -6.76
CA VAL B 342 0.98 14.11 -7.84
C VAL B 342 1.18 13.13 -9.00
N LEU B 343 0.12 12.38 -9.33
CA LEU B 343 0.21 11.31 -10.30
C LEU B 343 -0.30 11.69 -11.69
N SER B 344 -0.80 12.90 -11.86
CA SER B 344 -1.32 13.35 -13.15
C SER B 344 -1.49 14.86 -13.10
N GLU B 345 -1.80 15.44 -14.24
CA GLU B 345 -2.15 16.85 -14.31
C GLU B 345 -3.64 17.00 -14.00
N ILE B 346 -4.17 18.20 -14.18
CA ILE B 346 -5.57 18.47 -13.82
C ILE B 346 -6.48 17.78 -14.84
N GLU B 347 -7.28 16.84 -14.37
CA GLU B 347 -8.23 16.11 -15.21
C GLU B 347 -9.62 16.71 -15.04
N LYS B 348 -10.35 16.80 -16.16
CA LYS B 348 -11.70 17.38 -16.19
C LYS B 348 -11.70 18.81 -15.65
N ASN B 349 -10.68 19.59 -16.04
CA ASN B 349 -10.52 20.95 -15.53
C ASN B 349 -11.69 21.85 -15.88
N ASP B 350 -12.47 21.51 -16.91
CA ASP B 350 -13.66 22.28 -17.24
C ASP B 350 -14.79 22.04 -16.25
N VAL B 351 -14.86 20.85 -15.68
CA VAL B 351 -15.94 20.50 -14.76
C VAL B 351 -15.58 20.97 -13.36
N VAL B 352 -16.49 21.69 -12.72
CA VAL B 352 -16.34 22.10 -11.33
C VAL B 352 -17.11 21.13 -10.46
N PHE B 353 -16.63 20.92 -9.23
CA PHE B 353 -17.24 19.97 -8.31
C PHE B 353 -17.61 20.62 -6.98
N SER B 354 -16.69 21.33 -6.35
CA SER B 354 -16.92 21.93 -5.04
C SER B 354 -17.18 23.42 -5.15
N MET B 355 -17.58 24.01 -4.02
CA MET B 355 -17.83 25.45 -3.98
C MET B 355 -16.55 26.25 -4.09
N ASP B 356 -15.43 25.69 -3.62
CA ASP B 356 -14.15 26.39 -3.71
C ASP B 356 -13.65 26.52 -5.14
N GLN B 357 -14.25 25.84 -6.14
CA GLN B 357 -13.81 25.88 -7.59
C GLN B 357 -14.54 27.01 -8.31
N THR B 358 -15.17 27.91 -7.57
CA THR B 358 -15.93 28.98 -8.21
C THR B 358 -15.30 30.34 -7.91
#